data_4NZO
#
_entry.id   4NZO
#
_cell.length_a   89.110
_cell.length_b   111.133
_cell.length_c   41.299
_cell.angle_alpha   90.00
_cell.angle_beta   90.00
_cell.angle_gamma   90.00
#
_symmetry.space_group_name_H-M   'P 21 21 21'
#
loop_
_entity.id
_entity.type
_entity.pdbx_description
1 polymer 'Inositol hexakisphosphate and diphosphoinositol-pentakisphosphate kinase 2'
2 non-polymer 'PHOSPHOAMINOPHOSPHONIC ACID-ADENYLATE ESTER'
3 non-polymer '(1R,2R,3r,4S,5S,6s)-3,6-bis(benzyloxy)cyclohexane-1,2,4,5-tetrayl tetrakis[dihydrogen (phosphate)]'
4 non-polymer 'MAGNESIUM ION'
5 water water
#
_entity_poly.entity_id   1
_entity_poly.type   'polypeptide(L)'
_entity_poly.pdbx_seq_one_letter_code
;GSFTERQIVVGICSMAKKSKSKPMKEILERISLFKYITVVVFEEEVILNEPVENWPLCDCLISFHSKGFPLDKAVAYAKL
RNPFVINDLNMQYLIQDRREVYSILQAEGILLPRYAILNRDPNNPKECNLIEGEDHVEVNGEVFQKPFVEKPVSAEDHNV
YIYYPTSAGGGSQRLFRKIGSRSSVYSPESNVRKTGSYIYEEFMPTDGTDVKVYTVGPDYAHAEARKSPALDGKVERDSE
GKEVRYPVILNAREKLIAWKVCLAFKQTVCGFDLLRANGQSYVCDVNGFSFVKNSMKYYDDCAKILGNIVMRELAPQFHI
PWSIPLEAED
;
_entity_poly.pdbx_strand_id   A
#
# COMPACT_ATOMS: atom_id res chain seq x y z
N ARG A 6 26.83 13.60 -19.83
CA ARG A 6 25.59 14.21 -19.23
C ARG A 6 25.02 13.36 -18.07
N GLN A 7 24.20 14.03 -17.26
CA GLN A 7 23.60 13.44 -16.07
C GLN A 7 22.49 12.46 -16.40
N ILE A 8 22.27 11.50 -15.51
CA ILE A 8 21.09 10.64 -15.58
C ILE A 8 20.00 11.38 -14.83
N VAL A 9 18.85 11.57 -15.46
CA VAL A 9 17.78 12.37 -14.86
C VAL A 9 16.75 11.45 -14.24
N VAL A 10 16.49 11.63 -12.95
CA VAL A 10 15.40 10.93 -12.27
C VAL A 10 14.23 11.89 -12.11
N GLY A 11 13.11 11.54 -12.72
CA GLY A 11 11.93 12.36 -12.69
C GLY A 11 10.98 11.88 -11.60
N ILE A 12 10.44 12.81 -10.83
CA ILE A 12 9.47 12.48 -9.78
C ILE A 12 8.14 13.06 -10.21
N CYS A 13 7.13 12.19 -10.34
CA CYS A 13 5.83 12.59 -10.88
C CYS A 13 4.70 12.14 -9.94
N SER A 14 4.26 13.06 -9.10
CA SER A 14 3.17 12.80 -8.15
C SER A 14 2.52 14.12 -7.75
N MET A 15 1.42 14.02 -7.01
CA MET A 15 0.74 15.21 -6.53
C MET A 15 1.66 15.92 -5.55
N ALA A 16 1.49 17.23 -5.43
CA ALA A 16 2.38 18.05 -4.63
C ALA A 16 2.42 17.65 -3.17
N LYS A 17 1.26 17.27 -2.63
CA LYS A 17 1.21 16.81 -1.24
C LYS A 17 2.24 15.68 -1.02
N LYS A 18 2.46 14.87 -2.05
CA LYS A 18 3.44 13.78 -1.95
C LYS A 18 4.84 14.22 -2.30
N SER A 19 4.98 14.95 -3.39
N SER A 19 5.00 14.95 -3.40
CA SER A 19 6.30 15.38 -3.87
CA SER A 19 6.34 15.32 -3.86
C SER A 19 7.02 16.34 -2.92
C SER A 19 7.01 16.37 -2.96
N LYS A 20 6.24 17.07 -2.12
CA LYS A 20 6.81 18.04 -1.16
C LYS A 20 6.75 17.55 0.26
N SER A 21 6.34 16.30 0.47
CA SER A 21 6.27 15.73 1.79
C SER A 21 7.68 15.64 2.37
N LYS A 22 7.78 15.73 3.69
CA LYS A 22 9.08 15.59 4.34
C LYS A 22 9.84 14.31 3.94
N PRO A 23 9.20 13.13 3.98
CA PRO A 23 10.01 11.97 3.60
C PRO A 23 10.50 12.02 2.15
N MET A 24 9.66 12.50 1.24
CA MET A 24 10.11 12.65 -0.14
C MET A 24 11.34 13.54 -0.24
N LYS A 25 11.28 14.69 0.44
CA LYS A 25 12.38 15.65 0.39
C LYS A 25 13.65 15.07 1.00
N GLU A 26 13.51 14.27 2.06
CA GLU A 26 14.65 13.64 2.71
C GLU A 26 15.32 12.66 1.75
N ILE A 27 14.52 11.92 1.02
CA ILE A 27 15.05 10.92 0.11
C ILE A 27 15.67 11.57 -1.15
N LEU A 28 14.99 12.58 -1.69
CA LEU A 28 15.47 13.21 -2.90
C LEU A 28 16.79 13.95 -2.64
N GLU A 29 16.94 14.59 -1.48
CA GLU A 29 18.23 15.28 -1.19
C GLU A 29 19.37 14.26 -1.13
N ARG A 30 19.07 13.05 -0.69
CA ARG A 30 20.05 11.99 -0.66
C ARG A 30 20.34 11.38 -2.02
N ILE A 31 19.32 11.16 -2.83
CA ILE A 31 19.55 10.65 -4.17
C ILE A 31 20.42 11.65 -4.95
N SER A 32 20.18 12.94 -4.72
CA SER A 32 20.91 13.98 -5.41
C SER A 32 22.42 13.97 -5.06
N LEU A 33 22.80 13.27 -4.01
CA LEU A 33 24.21 13.14 -3.65
C LEU A 33 24.93 12.19 -4.60
N PHE A 34 24.19 11.41 -5.39
CA PHE A 34 24.81 10.57 -6.39
C PHE A 34 25.42 11.46 -7.46
N LYS A 35 26.68 11.22 -7.76
CA LYS A 35 27.45 12.09 -8.65
C LYS A 35 26.80 12.30 -10.01
N TYR A 36 26.35 11.21 -10.63
CA TYR A 36 25.78 11.29 -11.98
C TYR A 36 24.25 11.38 -12.07
N ILE A 37 23.58 11.61 -10.95
CA ILE A 37 22.12 11.69 -10.98
C ILE A 37 21.68 13.12 -10.71
N THR A 38 20.74 13.60 -11.52
CA THR A 38 20.01 14.83 -11.28
C THR A 38 18.52 14.47 -11.13
N VAL A 39 17.89 15.04 -10.12
CA VAL A 39 16.48 14.83 -9.81
C VAL A 39 15.69 16.01 -10.35
N VAL A 40 14.60 15.72 -11.06
CA VAL A 40 13.67 16.74 -11.49
C VAL A 40 12.28 16.39 -10.93
N VAL A 41 11.68 17.30 -10.18
CA VAL A 41 10.35 17.10 -9.63
C VAL A 41 9.34 17.79 -10.54
N PHE A 42 8.38 17.03 -11.08
CA PHE A 42 7.40 17.60 -12.00
C PHE A 42 6.41 18.41 -11.16
N GLU A 43 6.13 19.64 -11.60
CA GLU A 43 5.24 20.55 -10.84
C GLU A 43 3.82 20.09 -11.01
N GLU A 44 3.04 20.20 -9.95
CA GLU A 44 1.69 19.66 -9.99
C GLU A 44 0.86 20.37 -11.06
N GLU A 45 1.05 21.68 -11.16
CA GLU A 45 0.31 22.46 -12.17
C GLU A 45 0.58 21.90 -13.58
N VAL A 46 1.82 21.47 -13.84
CA VAL A 46 2.19 20.86 -15.12
C VAL A 46 1.54 19.49 -15.31
N ILE A 47 1.64 18.67 -14.27
CA ILE A 47 1.00 17.36 -14.29
C ILE A 47 -0.50 17.43 -14.62
N LEU A 48 -1.19 18.35 -13.98
CA LEU A 48 -2.65 18.47 -14.14
C LEU A 48 -3.06 19.14 -15.43
N ASN A 49 -2.38 20.23 -15.79
CA ASN A 49 -2.84 21.09 -16.87
C ASN A 49 -2.07 21.05 -18.17
N GLU A 50 -0.83 20.55 -18.18
CA GLU A 50 -0.04 20.49 -19.43
C GLU A 50 -0.16 19.15 -20.08
N PRO A 51 -0.18 19.09 -21.43
CA PRO A 51 -0.15 17.79 -22.09
C PRO A 51 1.19 17.12 -21.84
N VAL A 52 1.24 15.80 -21.96
CA VAL A 52 2.41 15.05 -21.53
C VAL A 52 3.60 15.35 -22.42
N GLU A 53 3.33 15.77 -23.66
CA GLU A 53 4.39 16.20 -24.58
C GLU A 53 5.20 17.37 -24.02
N ASN A 54 4.66 18.17 -23.11
CA ASN A 54 5.44 19.26 -22.51
C ASN A 54 6.11 18.94 -21.16
N TRP A 55 5.87 17.75 -20.62
CA TRP A 55 6.43 17.38 -19.34
C TRP A 55 7.94 17.23 -19.48
N PRO A 56 8.69 17.50 -18.42
CA PRO A 56 10.13 17.30 -18.46
C PRO A 56 10.52 15.89 -18.86
N LEU A 57 11.67 15.78 -19.52
CA LEU A 57 12.22 14.49 -19.84
C LEU A 57 12.87 13.91 -18.60
N CYS A 58 12.90 12.59 -18.52
CA CYS A 58 13.72 11.88 -17.54
C CYS A 58 14.15 10.56 -18.15
N ASP A 59 15.19 9.97 -17.58
CA ASP A 59 15.66 8.65 -17.96
C ASP A 59 15.07 7.56 -17.06
N CYS A 60 14.73 7.94 -15.83
CA CYS A 60 14.14 7.03 -14.84
C CYS A 60 12.96 7.77 -14.21
N LEU A 61 11.81 7.10 -14.16
CA LEU A 61 10.57 7.71 -13.68
C LEU A 61 10.08 7.08 -12.39
N ILE A 62 9.95 7.89 -11.35
CA ILE A 62 9.28 7.52 -10.09
C ILE A 62 7.96 8.28 -10.05
N SER A 63 6.87 7.53 -10.22
CA SER A 63 5.55 8.12 -10.32
C SER A 63 4.53 7.20 -9.66
N PHE A 64 3.58 7.80 -8.96
CA PHE A 64 2.56 7.03 -8.25
C PHE A 64 1.32 7.84 -7.98
N HIS A 65 0.23 7.09 -7.97
CA HIS A 65 -1.09 7.61 -7.85
C HIS A 65 -1.45 7.97 -6.42
N SER A 66 -2.16 9.08 -6.27
CA SER A 66 -2.83 9.43 -5.02
C SER A 66 -4.05 10.24 -5.44
N LYS A 67 -4.80 10.78 -4.48
CA LYS A 67 -6.06 11.46 -4.83
C LYS A 67 -5.85 12.64 -5.76
N GLY A 68 -6.59 12.68 -6.84
CA GLY A 68 -6.48 13.78 -7.79
C GLY A 68 -5.43 13.58 -8.88
N PHE A 69 -4.59 12.54 -8.76
CA PHE A 69 -3.54 12.27 -9.74
C PHE A 69 -4.05 11.69 -11.05
N PRO A 70 -3.66 12.28 -12.22
CA PRO A 70 -4.06 11.74 -13.54
C PRO A 70 -3.22 10.56 -14.00
N LEU A 71 -3.57 9.36 -13.51
CA LEU A 71 -2.80 8.19 -13.82
C LEU A 71 -2.79 7.91 -15.31
N ASP A 72 -3.87 8.23 -16.02
N ASP A 72 -3.90 8.25 -15.97
CA ASP A 72 -3.88 8.04 -17.48
CA ASP A 72 -4.04 8.24 -17.41
C ASP A 72 -2.77 8.89 -18.14
C ASP A 72 -2.85 8.92 -18.11
N LYS A 73 -2.54 10.11 -17.65
CA LYS A 73 -1.47 10.95 -18.22
C LYS A 73 -0.06 10.40 -17.95
N ALA A 74 0.17 9.93 -16.73
CA ALA A 74 1.44 9.29 -16.39
C ALA A 74 1.73 8.12 -17.30
N VAL A 75 0.75 7.27 -17.54
CA VAL A 75 0.92 6.12 -18.42
C VAL A 75 1.25 6.56 -19.85
N ALA A 76 0.57 7.59 -20.32
CA ALA A 76 0.82 8.12 -21.67
C ALA A 76 2.21 8.73 -21.74
N TYR A 77 2.64 9.44 -20.68
CA TYR A 77 4.00 9.97 -20.64
C TYR A 77 5.03 8.86 -20.73
N ALA A 78 4.85 7.81 -19.92
CA ALA A 78 5.80 6.69 -19.97
C ALA A 78 5.83 6.04 -21.36
N LYS A 79 4.66 5.89 -21.98
CA LYS A 79 4.59 5.35 -23.31
C LYS A 79 5.36 6.22 -24.30
N LEU A 80 5.19 7.54 -24.18
CA LEU A 80 5.82 8.49 -25.09
C LEU A 80 7.33 8.50 -24.95
N ARG A 81 7.83 8.57 -23.72
CA ARG A 81 9.25 8.77 -23.47
C ARG A 81 10.01 7.49 -23.16
N ASN A 82 9.31 6.43 -22.80
CA ASN A 82 9.94 5.14 -22.47
C ASN A 82 11.08 5.20 -21.42
N PRO A 83 10.85 5.88 -20.29
CA PRO A 83 11.86 5.86 -19.23
C PRO A 83 11.88 4.51 -18.51
N PHE A 84 12.95 4.26 -17.76
CA PHE A 84 13.00 3.14 -16.83
C PHE A 84 12.04 3.45 -15.65
N VAL A 85 11.00 2.64 -15.48
CA VAL A 85 9.94 2.92 -14.50
C VAL A 85 10.18 2.11 -13.22
N ILE A 86 10.31 2.81 -12.09
CA ILE A 86 10.59 2.21 -10.77
C ILE A 86 9.36 1.48 -10.18
N ASN A 87 8.20 2.14 -10.23
CA ASN A 87 6.92 1.57 -9.83
C ASN A 87 6.00 1.55 -11.04
N ASP A 88 5.67 0.35 -11.50
CA ASP A 88 4.86 0.15 -12.70
C ASP A 88 3.54 0.91 -12.59
N LEU A 89 3.21 1.65 -13.64
CA LEU A 89 2.05 2.52 -13.60
C LEU A 89 0.74 1.77 -13.80
N ASN A 90 0.70 0.84 -14.75
CA ASN A 90 -0.57 0.11 -15.00
C ASN A 90 -1.04 -0.73 -13.84
N MET A 91 -0.10 -1.33 -13.11
N MET A 91 -0.09 -1.31 -13.11
CA MET A 91 -0.43 -2.05 -11.89
CA MET A 91 -0.38 -2.05 -11.89
C MET A 91 -1.09 -1.16 -10.85
C MET A 91 -1.05 -1.17 -10.83
N GLN A 92 -0.88 0.15 -10.94
CA GLN A 92 -1.49 1.08 -10.01
C GLN A 92 -3.01 1.24 -10.21
N TYR A 93 -3.52 0.89 -11.40
CA TYR A 93 -4.96 0.75 -11.56
C TYR A 93 -5.47 -0.46 -10.77
N LEU A 94 -4.77 -1.57 -10.87
CA LEU A 94 -5.20 -2.79 -10.17
C LEU A 94 -5.13 -2.68 -8.65
N ILE A 95 -4.14 -1.97 -8.14
CA ILE A 95 -4.00 -1.76 -6.70
C ILE A 95 -5.19 -0.98 -6.11
N GLN A 96 -5.98 -0.28 -6.94
CA GLN A 96 -7.15 0.43 -6.44
C GLN A 96 -8.35 -0.49 -6.15
N ASP A 97 -8.24 -1.75 -6.48
CA ASP A 97 -9.37 -2.70 -6.44
C ASP A 97 -8.92 -3.89 -5.61
N ARG A 98 -9.52 -4.04 -4.45
CA ARG A 98 -9.07 -5.06 -3.51
CA ARG A 98 -9.08 -5.07 -3.50
C ARG A 98 -9.21 -6.48 -4.10
N ARG A 99 -10.21 -6.65 -4.94
CA ARG A 99 -10.41 -7.94 -5.60
C ARG A 99 -9.22 -8.33 -6.48
N GLU A 100 -8.68 -7.35 -7.19
CA GLU A 100 -7.50 -7.59 -8.06
C GLU A 100 -6.26 -7.85 -7.24
N VAL A 101 -6.11 -7.10 -6.14
CA VAL A 101 -5.00 -7.33 -5.19
C VAL A 101 -5.02 -8.75 -4.63
N TYR A 102 -6.18 -9.20 -4.15
CA TYR A 102 -6.26 -10.53 -3.57
C TYR A 102 -5.99 -11.65 -4.61
N SER A 103 -6.41 -11.40 -5.84
CA SER A 103 -6.23 -12.36 -6.91
C SER A 103 -4.75 -12.52 -7.20
N ILE A 104 -4.02 -11.41 -7.23
CA ILE A 104 -2.58 -11.47 -7.44
C ILE A 104 -1.87 -12.19 -6.29
N LEU A 105 -2.23 -11.85 -5.05
CA LEU A 105 -1.63 -12.50 -3.87
C LEU A 105 -1.83 -14.04 -3.91
N GLN A 106 -3.05 -14.44 -4.24
CA GLN A 106 -3.34 -15.88 -4.36
C GLN A 106 -2.49 -16.51 -5.47
N ALA A 107 -2.42 -15.86 -6.61
CA ALA A 107 -1.63 -16.39 -7.74
C ALA A 107 -0.17 -16.54 -7.38
N GLU A 108 0.33 -15.79 -6.40
CA GLU A 108 1.72 -15.91 -5.95
C GLU A 108 1.96 -16.82 -4.77
N GLY A 109 0.94 -17.54 -4.31
CA GLY A 109 1.13 -18.41 -3.16
C GLY A 109 1.41 -17.66 -1.86
N ILE A 110 0.86 -16.46 -1.75
CA ILE A 110 0.96 -15.65 -0.53
C ILE A 110 -0.28 -15.91 0.29
N LEU A 111 -0.05 -16.30 1.54
CA LEU A 111 -1.10 -16.58 2.49
C LEU A 111 -1.89 -15.27 2.70
N LEU A 112 -3.21 -15.42 2.71
CA LEU A 112 -4.11 -14.31 2.98
C LEU A 112 -5.36 -14.87 3.65
N PRO A 113 -6.18 -14.00 4.24
CA PRO A 113 -7.35 -14.54 4.92
C PRO A 113 -8.25 -15.26 3.94
N ARG A 114 -8.90 -16.33 4.38
CA ARG A 114 -9.98 -16.92 3.57
C ARG A 114 -11.02 -15.84 3.27
N TYR A 115 -11.41 -15.69 2.01
CA TYR A 115 -12.31 -14.60 1.62
C TYR A 115 -13.28 -15.00 0.52
N ALA A 116 -14.32 -14.18 0.39
CA ALA A 116 -15.28 -14.26 -0.70
C ALA A 116 -15.68 -12.86 -1.11
N ILE A 117 -15.92 -12.70 -2.40
CA ILE A 117 -16.34 -11.43 -2.95
C ILE A 117 -17.85 -11.38 -3.15
N LEU A 118 -18.48 -10.37 -2.57
CA LEU A 118 -19.89 -10.11 -2.87
C LEU A 118 -20.05 -8.95 -3.82
N ASN A 119 -20.29 -9.26 -5.09
CA ASN A 119 -20.53 -8.21 -6.08
C ASN A 119 -22.03 -7.89 -6.12
N ARG A 120 -22.37 -6.63 -5.90
CA ARG A 120 -23.77 -6.25 -5.80
C ARG A 120 -24.10 -5.31 -6.96
N ASP A 121 -25.19 -5.62 -7.65
CA ASP A 121 -25.69 -4.75 -8.71
C ASP A 121 -26.42 -3.58 -8.05
N PRO A 122 -25.94 -2.34 -8.28
CA PRO A 122 -26.56 -1.20 -7.62
C PRO A 122 -28.04 -0.98 -8.01
N ASN A 123 -28.44 -1.51 -9.18
CA ASN A 123 -29.84 -1.47 -9.63
C ASN A 123 -30.73 -2.51 -8.93
N ASN A 124 -30.17 -3.67 -8.62
CA ASN A 124 -30.90 -4.72 -7.91
C ASN A 124 -30.09 -5.24 -6.70
N PRO A 125 -29.94 -4.40 -5.66
CA PRO A 125 -29.06 -4.71 -4.53
C PRO A 125 -29.42 -5.99 -3.75
N LYS A 126 -30.67 -6.42 -3.81
CA LYS A 126 -31.09 -7.61 -3.05
C LYS A 126 -30.82 -8.96 -3.73
N GLU A 127 -30.49 -8.95 -5.01
CA GLU A 127 -30.36 -10.20 -5.79
C GLU A 127 -29.04 -10.93 -5.60
N CYS A 128 -28.04 -10.25 -5.04
CA CYS A 128 -26.70 -10.83 -4.87
C CYS A 128 -26.72 -12.08 -3.98
N ASN A 129 -25.64 -12.85 -4.02
CA ASN A 129 -25.62 -14.13 -3.30
C ASN A 129 -25.17 -13.98 -1.87
N LEU A 130 -25.94 -13.25 -1.07
CA LEU A 130 -25.67 -13.13 0.35
C LEU A 130 -26.85 -13.66 1.18
N ILE A 131 -26.55 -14.49 2.16
CA ILE A 131 -27.53 -14.91 3.16
C ILE A 131 -26.94 -14.56 4.50
N GLU A 132 -27.74 -13.92 5.35
CA GLU A 132 -27.26 -13.46 6.63
C GLU A 132 -28.03 -14.08 7.79
N GLY A 133 -27.29 -14.68 8.72
CA GLY A 133 -27.80 -15.10 10.01
C GLY A 133 -27.32 -14.18 11.12
N GLU A 134 -27.64 -14.53 12.36
CA GLU A 134 -27.29 -13.72 13.53
C GLU A 134 -25.78 -13.66 13.75
N ASP A 135 -25.14 -14.82 13.56
CA ASP A 135 -23.72 -15.00 13.86
C ASP A 135 -22.87 -15.47 12.70
N HIS A 136 -23.41 -15.39 11.49
CA HIS A 136 -22.64 -15.73 10.28
C HIS A 136 -23.25 -15.11 9.03
N VAL A 137 -22.45 -15.07 7.97
CA VAL A 137 -22.96 -14.77 6.66
C VAL A 137 -22.53 -15.89 5.72
N GLU A 138 -23.25 -15.99 4.61
CA GLU A 138 -22.95 -16.89 3.51
C GLU A 138 -22.88 -16.09 2.23
N VAL A 139 -21.70 -16.12 1.61
CA VAL A 139 -21.41 -15.30 0.45
C VAL A 139 -21.05 -16.25 -0.68
N ASN A 140 -21.89 -16.30 -1.73
CA ASN A 140 -21.75 -17.30 -2.77
C ASN A 140 -21.71 -18.70 -2.21
N GLY A 141 -22.46 -18.94 -1.14
CA GLY A 141 -22.48 -20.26 -0.47
C GLY A 141 -21.40 -20.49 0.57
N GLU A 142 -20.38 -19.64 0.57
CA GLU A 142 -19.28 -19.83 1.51
C GLU A 142 -19.60 -19.15 2.84
N VAL A 143 -19.40 -19.91 3.90
CA VAL A 143 -19.79 -19.50 5.26
C VAL A 143 -18.66 -18.79 6.02
N PHE A 144 -19.00 -17.65 6.61
CA PHE A 144 -18.13 -16.91 7.51
C PHE A 144 -18.83 -16.70 8.85
N GLN A 145 -18.29 -17.34 9.88
CA GLN A 145 -18.79 -17.20 11.24
C GLN A 145 -18.24 -15.89 11.78
N LYS A 146 -18.99 -15.20 12.62
CA LYS A 146 -18.44 -14.01 13.28
C LYS A 146 -17.42 -14.51 14.29
N PRO A 147 -16.30 -13.78 14.48
CA PRO A 147 -15.98 -12.49 13.85
C PRO A 147 -15.54 -12.64 12.38
N PHE A 148 -16.01 -11.76 11.51
CA PHE A 148 -15.51 -11.64 10.13
C PHE A 148 -15.35 -10.14 9.77
N VAL A 149 -14.66 -9.90 8.67
CA VAL A 149 -14.33 -8.56 8.19
C VAL A 149 -15.02 -8.30 6.85
N GLU A 150 -15.48 -7.06 6.69
CA GLU A 150 -16.18 -6.62 5.50
C GLU A 150 -15.44 -5.40 4.95
N LYS A 151 -14.84 -5.57 3.75
CA LYS A 151 -14.07 -4.51 3.13
C LYS A 151 -14.68 -4.05 1.82
N PRO A 152 -14.80 -2.73 1.62
CA PRO A 152 -15.26 -2.24 0.34
C PRO A 152 -14.36 -2.70 -0.76
N VAL A 153 -14.92 -3.06 -1.92
CA VAL A 153 -14.01 -3.49 -2.99
C VAL A 153 -13.02 -2.40 -3.42
N SER A 154 -13.38 -1.13 -3.27
CA SER A 154 -12.43 -0.05 -3.54
C SER A 154 -11.38 0.06 -2.42
N ALA A 155 -10.13 -0.14 -2.78
CA ALA A 155 -9.02 -0.13 -1.83
C ALA A 155 -8.81 1.26 -1.28
N GLU A 156 -9.41 2.26 -1.92
CA GLU A 156 -9.31 3.62 -1.45
C GLU A 156 -10.42 3.97 -0.45
N ASP A 157 -11.36 3.05 -0.25
CA ASP A 157 -12.43 3.21 0.75
C ASP A 157 -12.00 2.45 1.99
N HIS A 158 -11.69 3.21 3.05
CA HIS A 158 -11.16 2.68 4.30
C HIS A 158 -12.26 2.40 5.35
N ASN A 159 -13.51 2.41 4.91
CA ASN A 159 -14.65 2.02 5.77
C ASN A 159 -14.78 0.50 5.87
N VAL A 160 -13.81 -0.09 6.57
CA VAL A 160 -13.75 -1.51 6.84
C VAL A 160 -14.48 -1.79 8.15
N TYR A 161 -15.40 -2.74 8.12
CA TYR A 161 -16.17 -3.11 9.29
C TYR A 161 -15.82 -4.53 9.77
N ILE A 162 -15.81 -4.69 11.09
CA ILE A 162 -15.61 -5.96 11.75
C ILE A 162 -16.87 -6.32 12.53
N TYR A 163 -17.39 -7.53 12.35
CA TYR A 163 -18.66 -7.93 12.98
C TYR A 163 -18.39 -8.93 14.11
N TYR A 164 -18.85 -8.60 15.33
CA TYR A 164 -18.58 -9.42 16.52
C TYR A 164 -19.67 -10.49 16.76
N PRO A 165 -19.28 -11.66 17.25
CA PRO A 165 -20.26 -12.70 17.53
C PRO A 165 -21.14 -12.35 18.74
N THR A 166 -22.31 -12.98 18.79
CA THR A 166 -23.24 -12.86 19.92
C THR A 166 -22.53 -13.13 21.25
N SER A 167 -21.63 -14.09 21.25
CA SER A 167 -20.89 -14.53 22.42
C SER A 167 -19.98 -13.45 22.98
N ALA A 168 -19.80 -12.39 22.21
CA ALA A 168 -18.95 -11.28 22.62
C ALA A 168 -19.72 -9.97 22.67
N GLY A 169 -21.04 -10.03 22.57
CA GLY A 169 -21.86 -8.82 22.64
C GLY A 169 -22.44 -8.32 21.33
N GLY A 170 -22.02 -8.91 20.20
CA GLY A 170 -22.55 -8.54 18.89
C GLY A 170 -22.11 -7.13 18.51
N GLY A 171 -22.86 -6.50 17.62
CA GLY A 171 -22.50 -5.19 17.10
C GLY A 171 -21.27 -5.26 16.20
N SER A 172 -20.66 -4.12 15.94
CA SER A 172 -19.60 -4.03 14.96
C SER A 172 -18.59 -2.94 15.27
N GLN A 173 -17.39 -3.08 14.73
CA GLN A 173 -16.41 -2.02 14.78
C GLN A 173 -16.28 -1.44 13.39
N ARG A 174 -16.49 -0.13 13.28
CA ARG A 174 -16.39 0.61 12.04
C ARG A 174 -15.08 1.36 11.99
N LEU A 175 -14.20 0.95 11.09
CA LEU A 175 -12.90 1.59 10.91
C LEU A 175 -13.02 2.67 9.86
N PHE A 176 -12.11 3.61 9.91
CA PHE A 176 -12.09 4.68 8.95
C PHE A 176 -10.73 5.34 8.95
N ARG A 177 -10.49 6.12 7.90
CA ARG A 177 -9.30 6.98 7.83
C ARG A 177 -9.29 7.83 9.08
N LYS A 178 -8.16 7.89 9.76
CA LYS A 178 -8.02 8.49 11.05
C LYS A 178 -8.61 9.90 11.07
N ILE A 179 -9.47 10.19 12.05
CA ILE A 179 -10.03 11.53 12.28
C ILE A 179 -9.62 11.88 13.68
N GLY A 180 -8.56 12.69 13.73
CA GLY A 180 -7.94 13.17 14.97
C GLY A 180 -7.29 12.05 15.75
N SER A 181 -7.83 11.78 16.93
CA SER A 181 -7.31 10.76 17.83
C SER A 181 -8.00 9.39 17.65
N ARG A 182 -8.80 9.21 16.61
N ARG A 182 -8.82 9.21 16.61
CA ARG A 182 -9.59 7.97 16.43
CA ARG A 182 -9.56 7.95 16.44
C ARG A 182 -9.47 7.36 15.05
C ARG A 182 -9.48 7.36 15.06
N SER A 183 -9.44 6.03 14.99
CA SER A 183 -9.38 5.26 13.73
C SER A 183 -10.51 4.23 13.62
N SER A 184 -11.32 4.10 14.67
CA SER A 184 -12.52 3.28 14.58
C SER A 184 -13.48 3.60 15.72
N VAL A 185 -14.71 3.13 15.57
N VAL A 185 -14.70 3.08 15.60
CA VAL A 185 -15.72 3.23 16.61
CA VAL A 185 -15.75 3.26 16.59
C VAL A 185 -16.63 1.99 16.63
C VAL A 185 -16.68 2.03 16.62
N TYR A 186 -17.14 1.67 17.82
CA TYR A 186 -18.10 0.60 18.00
C TYR A 186 -19.47 1.04 17.55
N SER A 187 -20.18 0.11 16.94
CA SER A 187 -21.58 0.36 16.59
C SER A 187 -22.42 -0.80 17.09
N PRO A 188 -23.64 -0.50 17.59
CA PRO A 188 -24.53 -1.57 18.00
C PRO A 188 -25.07 -2.38 16.82
N GLU A 189 -24.98 -1.86 15.62
CA GLU A 189 -25.44 -2.56 14.43
C GLU A 189 -24.72 -3.90 14.24
N SER A 190 -25.50 -4.96 14.12
CA SER A 190 -24.99 -6.32 13.93
C SER A 190 -25.17 -6.84 12.49
N ASN A 191 -26.07 -6.22 11.72
CA ASN A 191 -26.31 -6.64 10.35
C ASN A 191 -25.32 -5.98 9.37
N VAL A 192 -24.94 -6.72 8.34
CA VAL A 192 -23.98 -6.21 7.35
C VAL A 192 -24.56 -5.10 6.50
N ARG A 193 -23.68 -4.42 5.78
CA ARG A 193 -24.09 -3.34 4.93
C ARG A 193 -24.94 -3.87 3.78
N LYS A 194 -25.94 -3.09 3.37
CA LYS A 194 -26.89 -3.61 2.36
C LYS A 194 -26.76 -2.95 1.01
N THR A 195 -25.91 -1.93 0.90
CA THR A 195 -25.55 -1.39 -0.41
C THR A 195 -24.04 -1.46 -0.57
N GLY A 196 -23.59 -1.59 -1.82
CA GLY A 196 -22.16 -1.66 -2.15
C GLY A 196 -21.68 -3.08 -2.35
N SER A 197 -20.53 -3.22 -2.99
CA SER A 197 -19.84 -4.49 -3.14
C SER A 197 -18.69 -4.65 -2.11
N TYR A 198 -18.53 -5.86 -1.57
CA TYR A 198 -17.60 -6.10 -0.45
C TYR A 198 -16.86 -7.40 -0.60
N ILE A 199 -15.67 -7.42 -0.02
CA ILE A 199 -14.96 -8.65 0.28
C ILE A 199 -15.25 -9.01 1.73
N TYR A 200 -15.67 -10.25 1.96
CA TYR A 200 -15.87 -10.77 3.30
C TYR A 200 -14.72 -11.70 3.56
N GLU A 201 -14.11 -11.59 4.71
CA GLU A 201 -13.04 -12.50 5.05
C GLU A 201 -13.00 -12.86 6.52
N GLU A 202 -12.37 -14.00 6.80
CA GLU A 202 -12.14 -14.43 8.16
C GLU A 202 -11.28 -13.43 8.93
N PHE A 203 -11.67 -13.22 10.18
CA PHE A 203 -10.92 -12.42 11.14
C PHE A 203 -9.74 -13.23 11.68
N MET A 204 -8.54 -12.68 11.52
CA MET A 204 -7.34 -13.34 11.93
C MET A 204 -6.96 -12.80 13.30
N PRO A 205 -6.82 -13.70 14.29
CA PRO A 205 -6.51 -13.26 15.62
C PRO A 205 -5.03 -12.92 15.77
N THR A 206 -4.72 -11.64 15.95
CA THR A 206 -3.36 -11.19 16.19
C THR A 206 -3.22 -10.82 17.65
N ASP A 207 -2.05 -10.34 18.05
CA ASP A 207 -1.84 -9.80 19.40
C ASP A 207 -2.33 -8.36 19.60
N GLY A 208 -3.10 -7.84 18.64
CA GLY A 208 -3.63 -6.48 18.74
C GLY A 208 -2.78 -5.45 18.00
N THR A 209 -1.82 -5.90 17.19
CA THR A 209 -1.01 -5.00 16.37
C THR A 209 -1.02 -5.46 14.91
N ASP A 210 -0.85 -4.50 14.02
CA ASP A 210 -0.68 -4.74 12.58
C ASP A 210 0.76 -4.51 12.29
N VAL A 211 1.33 -5.29 11.39
CA VAL A 211 2.69 -5.06 10.95
C VAL A 211 2.60 -4.34 9.60
N LYS A 212 3.31 -3.22 9.48
CA LYS A 212 3.41 -2.49 8.22
C LYS A 212 4.78 -2.75 7.66
N VAL A 213 4.82 -3.15 6.39
CA VAL A 213 6.07 -3.47 5.70
C VAL A 213 6.27 -2.49 4.53
N TYR A 214 7.52 -2.05 4.37
CA TYR A 214 7.89 -1.07 3.37
C TYR A 214 9.08 -1.59 2.58
N THR A 215 8.88 -1.92 1.32
CA THR A 215 9.97 -2.47 0.51
C THR A 215 10.70 -1.35 -0.22
N VAL A 216 11.98 -1.58 -0.48
CA VAL A 216 12.72 -0.79 -1.50
C VAL A 216 13.47 -1.80 -2.35
N GLY A 217 12.78 -2.25 -3.40
CA GLY A 217 13.19 -3.39 -4.15
C GLY A 217 12.94 -4.67 -3.37
N PRO A 218 13.16 -5.81 -4.03
CA PRO A 218 12.69 -7.04 -3.45
C PRO A 218 13.53 -7.59 -2.28
N ASP A 219 14.73 -7.04 -2.10
CA ASP A 219 15.66 -7.52 -1.08
C ASP A 219 15.83 -6.59 0.11
N TYR A 220 15.01 -5.54 0.21
CA TYR A 220 15.07 -4.66 1.37
C TYR A 220 13.66 -4.40 1.81
N ALA A 221 13.40 -4.61 3.09
CA ALA A 221 12.10 -4.29 3.64
C ALA A 221 12.25 -3.83 5.08
N HIS A 222 11.63 -2.70 5.40
CA HIS A 222 11.56 -2.24 6.77
C HIS A 222 10.16 -2.57 7.26
N ALA A 223 10.07 -3.04 8.50
CA ALA A 223 8.78 -3.33 9.12
C ALA A 223 8.67 -2.62 10.44
N GLU A 224 7.43 -2.28 10.83
CA GLU A 224 7.12 -1.72 12.15
C GLU A 224 5.66 -1.98 12.48
N ALA A 225 5.32 -1.98 13.76
CA ALA A 225 3.96 -2.32 14.16
C ALA A 225 3.25 -1.13 14.78
N ARG A 226 1.92 -1.15 14.66
CA ARG A 226 1.04 -0.17 15.27
C ARG A 226 -0.12 -0.93 15.86
N LYS A 227 -0.75 -0.35 16.87
CA LYS A 227 -1.96 -0.88 17.48
C LYS A 227 -3.03 -1.01 16.40
N SER A 228 -3.71 -2.14 16.34
CA SER A 228 -4.75 -2.33 15.33
C SER A 228 -5.96 -1.43 15.64
N PRO A 229 -6.54 -0.79 14.62
CA PRO A 229 -7.84 -0.11 14.88
C PRO A 229 -9.03 -1.05 15.10
N ALA A 230 -8.89 -2.33 14.77
CA ALA A 230 -9.91 -3.32 15.12
C ALA A 230 -10.12 -3.33 16.64
N LEU A 231 -9.06 -2.99 17.40
CA LEU A 231 -9.12 -2.91 18.86
C LEU A 231 -10.18 -1.91 19.35
N ASP A 232 -9.78 -0.75 19.87
CA ASP A 232 -10.78 0.17 20.42
C ASP A 232 -10.89 1.50 19.68
N GLY A 233 -9.99 1.75 18.74
CA GLY A 233 -10.12 2.92 17.89
C GLY A 233 -9.40 4.16 18.39
N LYS A 234 -8.96 4.18 19.65
CA LYS A 234 -8.17 5.30 20.13
C LYS A 234 -6.73 5.17 19.59
N VAL A 235 -6.24 6.22 18.93
CA VAL A 235 -4.88 6.26 18.38
C VAL A 235 -3.88 6.51 19.52
N GLU A 236 -2.82 5.68 19.57
CA GLU A 236 -1.78 5.80 20.61
C GLU A 236 -0.77 6.86 20.23
N ARG A 237 -0.50 7.79 21.15
CA ARG A 237 0.50 8.83 20.90
C ARG A 237 1.54 8.90 22.00
N ASP A 238 2.78 9.21 21.61
CA ASP A 238 3.85 9.43 22.59
C ASP A 238 3.71 10.84 23.16
N SER A 239 4.55 11.19 24.13
CA SER A 239 4.53 12.54 24.72
C SER A 239 4.69 13.64 23.66
N GLU A 240 5.53 13.36 22.66
CA GLU A 240 5.75 14.26 21.52
C GLU A 240 4.52 14.42 20.61
N GLY A 241 3.57 13.49 20.70
CA GLY A 241 2.34 13.55 19.91
C GLY A 241 2.38 12.73 18.63
N LYS A 242 3.52 12.11 18.35
CA LYS A 242 3.63 11.16 17.23
C LYS A 242 2.96 9.84 17.60
N GLU A 243 2.44 9.15 16.57
CA GLU A 243 1.79 7.87 16.79
C GLU A 243 2.82 6.83 17.25
N VAL A 244 2.47 6.04 18.25
CA VAL A 244 3.33 4.99 18.74
C VAL A 244 3.57 3.94 17.63
N ARG A 245 4.82 3.52 17.48
CA ARG A 245 5.21 2.47 16.56
C ARG A 245 6.12 1.53 17.34
N TYR A 246 6.03 0.25 17.02
CA TYR A 246 6.72 -0.79 17.75
C TYR A 246 7.69 -1.45 16.81
N PRO A 247 8.88 -1.84 17.31
CA PRO A 247 9.88 -2.47 16.46
C PRO A 247 9.48 -3.84 15.97
N VAL A 248 9.85 -4.15 14.73
CA VAL A 248 9.59 -5.45 14.13
C VAL A 248 10.82 -5.85 13.33
N ILE A 249 11.19 -7.11 13.43
CA ILE A 249 12.13 -7.74 12.52
C ILE A 249 11.41 -8.88 11.83
N LEU A 250 11.47 -8.88 10.52
CA LEU A 250 10.76 -9.88 9.74
C LEU A 250 11.50 -11.20 9.81
N ASN A 251 10.75 -12.29 9.92
CA ASN A 251 11.35 -13.63 9.86
C ASN A 251 11.62 -14.02 8.40
N ALA A 252 12.23 -15.19 8.20
CA ALA A 252 12.58 -15.60 6.83
C ALA A 252 11.35 -15.70 5.92
N ARG A 253 10.25 -16.27 6.40
CA ARG A 253 9.03 -16.35 5.60
C ARG A 253 8.51 -14.96 5.18
N GLU A 254 8.61 -14.00 6.10
CA GLU A 254 8.07 -12.65 5.86
C GLU A 254 8.94 -11.87 4.88
N LYS A 255 10.24 -12.10 4.95
CA LYS A 255 11.15 -11.50 4.00
C LYS A 255 10.86 -11.99 2.60
N LEU A 256 10.49 -13.28 2.48
CA LEU A 256 10.06 -13.82 1.19
C LEU A 256 8.74 -13.23 0.75
N ILE A 257 7.79 -13.04 1.68
CA ILE A 257 6.54 -12.38 1.37
C ILE A 257 6.82 -11.03 0.72
N ALA A 258 7.71 -10.26 1.33
CA ALA A 258 8.05 -8.92 0.82
C ALA A 258 8.62 -8.92 -0.61
N TRP A 259 9.54 -9.86 -0.85
CA TRP A 259 10.11 -10.12 -2.16
C TRP A 259 9.00 -10.38 -3.17
N LYS A 260 8.09 -11.29 -2.82
CA LYS A 260 6.98 -11.63 -3.71
C LYS A 260 6.04 -10.44 -3.99
N VAL A 261 5.69 -9.70 -2.94
CA VAL A 261 4.76 -8.59 -3.12
C VAL A 261 5.38 -7.52 -4.03
N CYS A 262 6.63 -7.16 -3.75
CA CYS A 262 7.35 -6.16 -4.51
C CYS A 262 7.37 -6.56 -5.98
N LEU A 263 7.70 -7.83 -6.26
CA LEU A 263 7.78 -8.29 -7.64
C LEU A 263 6.44 -8.49 -8.33
N ALA A 264 5.46 -9.05 -7.62
CA ALA A 264 4.15 -9.36 -8.21
C ALA A 264 3.41 -8.11 -8.63
N PHE A 265 3.53 -7.03 -7.83
CA PHE A 265 2.88 -5.77 -8.14
C PHE A 265 3.79 -4.83 -8.93
N LYS A 266 5.04 -5.22 -9.14
CA LYS A 266 5.98 -4.40 -9.87
C LYS A 266 6.12 -3.01 -9.26
N GLN A 267 6.05 -2.92 -7.93
CA GLN A 267 6.25 -1.69 -7.19
C GLN A 267 7.56 -1.80 -6.41
N THR A 268 8.64 -1.23 -6.95
CA THR A 268 9.91 -1.21 -6.23
C THR A 268 9.75 -0.72 -4.77
N VAL A 269 9.11 0.45 -4.63
CA VAL A 269 8.79 1.06 -3.36
C VAL A 269 7.34 0.66 -3.03
N CYS A 270 7.14 -0.19 -2.04
CA CYS A 270 5.79 -0.76 -1.79
C CYS A 270 5.51 -0.93 -0.33
N GLY A 271 4.36 -0.44 0.11
CA GLY A 271 3.85 -0.73 1.44
C GLY A 271 2.79 -1.81 1.40
N PHE A 272 2.81 -2.67 2.41
CA PHE A 272 1.74 -3.63 2.61
C PHE A 272 1.58 -3.98 4.08
N ASP A 273 0.43 -4.56 4.41
CA ASP A 273 0.06 -4.91 5.81
C ASP A 273 0.14 -6.44 6.01
N LEU A 274 0.72 -6.83 7.13
CA LEU A 274 0.84 -8.22 7.56
C LEU A 274 0.12 -8.43 8.87
N LEU A 275 -0.59 -9.56 8.95
CA LEU A 275 -1.25 -9.99 10.18
C LEU A 275 -0.54 -11.24 10.67
N ARG A 276 0.10 -11.13 11.84
CA ARG A 276 0.74 -12.27 12.47
C ARG A 276 -0.29 -13.03 13.31
N ALA A 277 -0.68 -14.21 12.83
CA ALA A 277 -1.77 -14.96 13.45
C ALA A 277 -1.56 -16.45 13.29
N ASN A 278 -1.86 -17.22 14.33
CA ASN A 278 -1.80 -18.68 14.27
C ASN A 278 -0.43 -19.22 13.76
N GLY A 279 0.66 -18.63 14.22
CA GLY A 279 2.00 -18.97 13.79
C GLY A 279 2.39 -18.75 12.33
N GLN A 280 1.58 -17.98 11.59
CA GLN A 280 1.90 -17.57 10.22
C GLN A 280 1.66 -16.07 10.06
N SER A 281 1.89 -15.56 8.86
CA SER A 281 1.75 -14.13 8.60
C SER A 281 0.95 -13.98 7.33
N TYR A 282 -0.16 -13.24 7.41
CA TYR A 282 -1.09 -13.11 6.32
C TYR A 282 -1.07 -11.69 5.76
N VAL A 283 -1.03 -11.53 4.45
CA VAL A 283 -1.13 -10.20 3.85
C VAL A 283 -2.61 -9.82 3.79
N CYS A 284 -2.98 -8.64 4.25
CA CYS A 284 -4.39 -8.22 4.18
C CYS A 284 -4.67 -6.96 3.36
N ASP A 285 -3.62 -6.31 2.91
CA ASP A 285 -3.72 -5.08 2.15
C ASP A 285 -2.40 -4.79 1.43
N VAL A 286 -2.43 -4.32 0.22
CA VAL A 286 -1.23 -3.86 -0.50
C VAL A 286 -1.49 -2.41 -0.95
N ASN A 287 -0.67 -1.50 -0.48
CA ASN A 287 -0.89 -0.10 -0.73
C ASN A 287 -0.11 0.56 -1.83
N GLY A 288 0.89 -0.12 -2.37
CA GLY A 288 1.80 0.51 -3.34
C GLY A 288 2.75 1.50 -2.70
N PHE A 289 3.17 2.49 -3.49
CA PHE A 289 4.21 3.44 -3.11
C PHE A 289 4.01 3.99 -1.71
N SER A 290 4.97 3.76 -0.83
N SER A 290 4.97 3.73 -0.83
CA SER A 290 4.90 4.30 0.50
CA SER A 290 4.92 4.10 0.56
C SER A 290 6.27 4.35 1.14
C SER A 290 6.36 4.38 1.05
N PHE A 291 6.54 5.48 1.78
CA PHE A 291 7.80 5.73 2.50
C PHE A 291 7.57 5.62 4.01
N VAL A 292 8.57 5.12 4.71
CA VAL A 292 8.60 5.18 6.16
C VAL A 292 8.87 6.65 6.55
N LYS A 293 8.22 7.12 7.60
CA LYS A 293 8.52 8.43 8.18
C LYS A 293 9.34 8.33 9.47
N ASN A 294 10.09 9.37 9.78
CA ASN A 294 10.79 9.51 11.08
C ASN A 294 11.88 8.47 11.34
N SER A 295 12.44 7.89 10.27
CA SER A 295 13.60 7.03 10.41
C SER A 295 14.70 7.56 9.50
N MET A 296 15.72 8.18 10.11
CA MET A 296 16.87 8.62 9.34
C MET A 296 17.56 7.47 8.61
N LYS A 297 17.61 6.30 9.24
CA LYS A 297 18.24 5.13 8.64
C LYS A 297 17.47 4.64 7.39
N TYR A 298 16.14 4.67 7.45
CA TYR A 298 15.36 4.34 6.27
C TYR A 298 15.65 5.34 5.14
N TYR A 299 15.67 6.63 5.44
CA TYR A 299 15.98 7.61 4.40
C TYR A 299 17.33 7.33 3.71
N ASP A 300 18.36 7.08 4.51
CA ASP A 300 19.67 6.71 4.02
C ASP A 300 19.63 5.48 3.11
N ASP A 301 19.04 4.39 3.62
CA ASP A 301 19.01 3.13 2.90
C ASP A 301 18.17 3.24 1.63
N CYS A 302 17.00 3.86 1.72
CA CYS A 302 16.11 3.94 0.57
C CYS A 302 16.75 4.74 -0.56
N ALA A 303 17.33 5.88 -0.24
CA ALA A 303 17.96 6.69 -1.25
C ALA A 303 19.16 5.95 -1.92
N LYS A 304 19.98 5.28 -1.12
CA LYS A 304 21.11 4.52 -1.64
C LYS A 304 20.64 3.40 -2.55
N ILE A 305 19.60 2.69 -2.13
CA ILE A 305 19.10 1.58 -2.92
C ILE A 305 18.53 2.11 -4.23
N LEU A 306 17.73 3.17 -4.16
CA LEU A 306 17.13 3.70 -5.39
C LEU A 306 18.22 4.20 -6.32
N GLY A 307 19.19 4.93 -5.78
CA GLY A 307 20.31 5.40 -6.60
C GLY A 307 21.10 4.27 -7.28
N ASN A 308 21.37 3.22 -6.53
CA ASN A 308 22.07 2.05 -7.07
C ASN A 308 21.27 1.33 -8.14
N ILE A 309 19.93 1.26 -7.99
CA ILE A 309 19.07 0.70 -9.02
C ILE A 309 19.19 1.52 -10.33
N VAL A 310 19.11 2.84 -10.22
CA VAL A 310 19.22 3.73 -11.38
C VAL A 310 20.60 3.53 -12.04
N MET A 311 21.66 3.49 -11.26
CA MET A 311 23.01 3.34 -11.85
C MET A 311 23.20 1.97 -12.50
N ARG A 312 22.70 0.92 -11.86
CA ARG A 312 22.86 -0.42 -12.41
C ARG A 312 22.15 -0.51 -13.74
N GLU A 313 20.96 0.07 -13.81
CA GLU A 313 20.16 -0.04 -15.02
C GLU A 313 20.70 0.85 -16.14
N LEU A 314 21.22 2.02 -15.80
CA LEU A 314 21.48 3.02 -16.83
C LEU A 314 22.95 3.42 -17.02
N ALA A 315 23.83 3.02 -16.11
CA ALA A 315 25.23 3.41 -16.21
C ALA A 315 25.87 2.95 -17.52
N PRO A 316 25.63 1.69 -17.93
CA PRO A 316 26.22 1.26 -19.21
C PRO A 316 25.82 2.16 -20.39
N GLN A 317 24.52 2.46 -20.51
CA GLN A 317 24.01 3.39 -21.55
C GLN A 317 24.72 4.73 -21.59
N PHE A 318 25.02 5.26 -20.41
CA PHE A 318 25.67 6.55 -20.29
C PHE A 318 27.20 6.43 -20.29
N HIS A 319 27.71 5.21 -20.49
CA HIS A 319 29.14 4.91 -20.40
C HIS A 319 29.76 5.32 -19.07
N ILE A 320 28.97 5.30 -18.00
CA ILE A 320 29.48 5.69 -16.70
C ILE A 320 29.96 4.42 -16.03
N PRO A 321 31.20 4.43 -15.50
CA PRO A 321 31.68 3.21 -14.86
C PRO A 321 30.98 3.00 -13.53
N TRP A 322 30.58 1.76 -13.25
CA TRP A 322 29.85 1.45 -12.04
C TRP A 322 30.06 0.00 -11.63
N SER A 323 30.59 -0.21 -10.43
CA SER A 323 30.71 -1.54 -9.84
C SER A 323 29.62 -1.73 -8.79
N ILE A 324 28.91 -2.87 -8.85
CA ILE A 324 27.78 -3.11 -7.94
C ILE A 324 28.24 -3.21 -6.48
N PRO A 325 27.72 -2.33 -5.58
CA PRO A 325 28.09 -2.40 -4.16
C PRO A 325 27.23 -3.38 -3.34
N LEU A 326 27.59 -3.57 -2.07
CA LEU A 326 26.75 -4.31 -1.10
C LEU A 326 25.55 -3.47 -0.70
N GLU A 327 24.51 -4.11 -0.14
CA GLU A 327 23.30 -3.43 0.33
C GLU A 327 22.57 -4.15 1.48
N ALA A 328 21.91 -3.38 2.35
CA ALA A 328 21.21 -3.92 3.52
C ALA A 328 19.89 -4.65 3.17
N GLU A 329 19.33 -5.36 4.15
CA GLU A 329 18.05 -6.07 3.99
C GLU A 329 16.89 -5.54 4.84
N ASP A 330 17.23 -4.74 5.87
CA ASP A 330 16.32 -4.50 7.00
C ASP A 330 16.10 -3.01 7.27
#